data_4I1U
#
_entry.id   4I1U
#
_cell.length_a   116.420
_cell.length_b   116.420
_cell.length_c   89.970
_cell.angle_alpha   90.000
_cell.angle_beta   90.000
_cell.angle_gamma   120.000
#
_symmetry.space_group_name_H-M   'P 32 2 1'
#
loop_
_entity.id
_entity.type
_entity.pdbx_description
1 polymer 'Dephospho-CoA kinase'
2 non-polymer 'SULFATE ION'
3 non-polymer 'CHLORIDE ION'
4 non-polymer 1,2-ETHANEDIOL
5 water water
#
_entity_poly.entity_id   1
_entity_poly.type   'polypeptide(L)'
_entity_poly.pdbx_seq_one_letter_code
;MAHHHHHHMYAIGLTGGIGSGKTTVADLFAARGASLVDTDLIAHRITAPAGLAMPAIEQTFGPAFVAADGSLDRARMRAL
IFSDEDARRRLEAITHPLIRAETEREARDAQGPYVIFVVPLLVESRNWKARCDRVLVVDCPVDTQIARVMQRNGFTREQV
EAIIARQATREARLAAADDVIVNDAATPDALAVQVDALHQRYLAFAAAKH
;
_entity_poly.pdbx_strand_id   A,B
#
loop_
_chem_comp.id
_chem_comp.type
_chem_comp.name
_chem_comp.formula
CL non-polymer 'CHLORIDE ION' 'Cl -1'
EDO non-polymer 1,2-ETHANEDIOL 'C2 H6 O2'
SO4 non-polymer 'SULFATE ION' 'O4 S -2'
#
# COMPACT_ATOMS: atom_id res chain seq x y z
N HIS A 6 10.16 -16.84 8.14
CA HIS A 6 9.18 -17.91 7.76
C HIS A 6 9.03 -17.88 6.22
N HIS A 7 9.35 -18.98 5.54
CA HIS A 7 9.29 -19.01 4.07
C HIS A 7 8.06 -19.78 3.56
N HIS A 8 7.50 -19.32 2.46
CA HIS A 8 6.35 -19.99 1.85
C HIS A 8 5.13 -19.97 2.81
N MET A 9 4.86 -18.82 3.41
CA MET A 9 3.75 -18.62 4.33
CA MET A 9 3.76 -18.73 4.39
C MET A 9 2.42 -19.06 3.71
N TYR A 10 1.65 -19.87 4.42
CA TYR A 10 0.33 -20.30 3.94
C TYR A 10 -0.68 -19.28 4.53
N ALA A 11 -1.54 -18.72 3.69
CA ALA A 11 -2.43 -17.62 4.05
C ALA A 11 -3.85 -17.91 3.63
N ILE A 12 -4.75 -17.84 4.61
CA ILE A 12 -6.16 -17.96 4.38
C ILE A 12 -6.78 -16.58 4.47
N GLY A 13 -7.57 -16.21 3.46
CA GLY A 13 -8.38 -15.03 3.52
C GLY A 13 -9.73 -15.36 4.14
N LEU A 14 -10.04 -14.77 5.27
CA LEU A 14 -11.34 -14.95 5.94
C LEU A 14 -12.22 -13.73 5.72
N THR A 15 -13.38 -13.94 5.12
CA THR A 15 -14.26 -12.88 4.72
C THR A 15 -15.72 -13.26 4.99
N GLY A 16 -16.60 -12.38 4.57
CA GLY A 16 -18.01 -12.44 4.90
C GLY A 16 -18.54 -11.01 4.90
N GLY A 17 -19.84 -10.89 4.68
CA GLY A 17 -20.52 -9.58 4.72
C GLY A 17 -20.62 -9.02 6.13
N ILE A 18 -20.91 -7.73 6.24
CA ILE A 18 -21.03 -7.08 7.53
C ILE A 18 -22.07 -7.84 8.29
N GLY A 19 -21.78 -8.16 9.54
CA GLY A 19 -22.73 -8.91 10.36
C GLY A 19 -22.70 -10.42 10.27
N SER A 20 -21.79 -10.97 9.46
CA SER A 20 -21.78 -12.45 9.26
C SER A 20 -21.14 -13.17 10.45
N GLY A 21 -20.53 -12.42 11.34
CA GLY A 21 -19.83 -12.99 12.49
C GLY A 21 -18.43 -13.51 12.18
N LYS A 22 -17.75 -12.84 11.26
CA LYS A 22 -16.34 -13.13 10.90
C LYS A 22 -15.46 -13.24 12.15
N THR A 23 -15.67 -12.33 13.10
CA THR A 23 -14.83 -12.28 14.30
C THR A 23 -15.00 -13.54 15.18
N THR A 24 -16.22 -14.02 15.30
CA THR A 24 -16.43 -15.23 16.06
C THR A 24 -15.63 -16.44 15.50
N VAL A 25 -15.66 -16.59 14.19
CA VAL A 25 -14.98 -17.67 13.52
C VAL A 25 -13.48 -17.44 13.62
N ALA A 26 -13.01 -16.23 13.32
CA ALA A 26 -11.58 -15.89 13.46
C ALA A 26 -11.01 -16.25 14.84
N ASP A 27 -11.75 -15.91 15.89
CA ASP A 27 -11.30 -16.20 17.24
C ASP A 27 -11.20 -17.67 17.51
N LEU A 28 -12.07 -18.47 16.92
CA LEU A 28 -11.95 -19.91 17.09
C LEU A 28 -10.66 -20.42 16.46
N PHE A 29 -10.32 -19.91 15.28
CA PHE A 29 -9.03 -20.29 14.63
C PHE A 29 -7.83 -19.90 15.48
N ALA A 30 -7.88 -18.69 16.06
CA ALA A 30 -6.77 -18.18 16.82
C ALA A 30 -6.58 -19.04 18.07
N ALA A 31 -7.67 -19.51 18.65
CA ALA A 31 -7.55 -20.38 19.83
C ALA A 31 -6.90 -21.71 19.48
N ARG A 32 -6.92 -22.10 18.20
CA ARG A 32 -6.27 -23.35 17.78
C ARG A 32 -4.84 -23.16 17.30
N GLY A 33 -4.39 -21.91 17.32
CA GLY A 33 -3.01 -21.59 17.04
C GLY A 33 -2.77 -20.90 15.71
N ALA A 34 -3.83 -20.63 14.93
CA ALA A 34 -3.69 -19.86 13.72
C ALA A 34 -3.26 -18.47 14.10
N SER A 35 -2.41 -17.82 13.29
CA SER A 35 -2.06 -16.42 13.49
C SER A 35 -3.07 -15.54 12.75
N LEU A 36 -3.74 -14.65 13.45
CA LEU A 36 -4.75 -13.78 12.86
CA LEU A 36 -4.74 -13.79 12.85
C LEU A 36 -4.16 -12.41 12.57
N VAL A 37 -4.54 -11.86 11.43
CA VAL A 37 -4.17 -10.49 11.05
C VAL A 37 -5.45 -9.88 10.65
N ASP A 38 -6.03 -9.10 11.56
CA ASP A 38 -7.35 -8.53 11.32
C ASP A 38 -7.13 -7.17 10.71
N THR A 39 -7.57 -6.99 9.45
CA THR A 39 -7.33 -5.75 8.76
C THR A 39 -8.12 -4.55 9.34
N ASP A 40 -9.25 -4.78 10.01
CA ASP A 40 -9.95 -3.74 10.78
C ASP A 40 -9.05 -3.17 11.88
N LEU A 41 -8.34 -4.00 12.61
CA LEU A 41 -7.43 -3.51 13.65
C LEU A 41 -6.27 -2.68 13.08
N ILE A 42 -5.74 -3.13 11.94
CA ILE A 42 -4.75 -2.34 11.19
C ILE A 42 -5.32 -1.00 10.74
N ALA A 43 -6.55 -0.97 10.25
CA ALA A 43 -7.22 0.28 9.93
C ALA A 43 -7.26 1.26 11.10
N HIS A 44 -7.60 0.74 12.27
CA HIS A 44 -7.59 1.57 13.46
C HIS A 44 -6.20 2.03 13.84
N ARG A 45 -5.25 1.12 13.77
CA ARG A 45 -3.87 1.44 14.10
CA ARG A 45 -3.88 1.48 14.13
C ARG A 45 -3.38 2.62 13.22
N ILE A 46 -3.60 2.52 11.92
CA ILE A 46 -3.01 3.53 11.03
C ILE A 46 -3.73 4.88 11.08
N THR A 47 -4.89 4.93 11.74
CA THR A 47 -5.62 6.16 12.01
C THR A 47 -5.59 6.60 13.48
N ALA A 48 -4.70 5.99 14.26
CA ALA A 48 -4.40 6.41 15.63
C ALA A 48 -3.43 7.59 15.62
N PRO A 49 -3.18 8.20 16.82
CA PRO A 49 -2.18 9.26 16.81
C PRO A 49 -0.88 8.75 16.21
N ALA A 50 -0.25 9.56 15.38
CA ALA A 50 0.97 9.18 14.63
C ALA A 50 0.79 8.03 13.64
N GLY A 51 -0.45 7.64 13.36
CA GLY A 51 -0.68 6.49 12.48
C GLY A 51 -0.27 6.83 11.05
N LEU A 52 0.11 5.82 10.28
CA LEU A 52 0.70 6.08 8.96
C LEU A 52 -0.25 6.79 8.00
N ALA A 53 -1.55 6.73 8.26
CA ALA A 53 -2.47 7.35 7.29
C ALA A 53 -2.72 8.81 7.61
N MET A 54 -2.33 9.26 8.81
CA MET A 54 -2.76 10.56 9.29
C MET A 54 -2.21 11.77 8.47
N PRO A 55 -0.94 11.73 8.03
CA PRO A 55 -0.54 12.88 7.18
C PRO A 55 -1.35 13.02 5.89
N ALA A 56 -1.55 11.94 5.14
CA ALA A 56 -2.35 12.02 3.94
C ALA A 56 -3.78 12.43 4.27
N ILE A 57 -4.29 11.96 5.42
CA ILE A 57 -5.66 12.27 5.79
C ILE A 57 -5.74 13.77 6.07
N GLU A 58 -4.74 14.27 6.77
CA GLU A 58 -4.71 15.69 7.08
C GLU A 58 -4.44 16.52 5.81
N GLN A 59 -3.47 16.15 4.98
CA GLN A 59 -3.23 16.80 3.69
C GLN A 59 -4.48 16.80 2.76
N THR A 60 -5.38 15.82 2.89
CA THR A 60 -6.48 15.67 1.94
C THR A 60 -7.82 16.18 2.46
N PHE A 61 -8.11 15.97 3.74
CA PHE A 61 -9.41 16.32 4.37
C PHE A 61 -9.36 17.54 5.28
N GLY A 62 -8.17 17.93 5.73
CA GLY A 62 -8.00 19.07 6.63
C GLY A 62 -8.01 18.68 8.10
N PRO A 63 -7.47 19.56 8.96
CA PRO A 63 -7.34 19.29 10.38
C PRO A 63 -8.62 19.17 11.15
N ALA A 64 -9.77 19.53 10.56
CA ALA A 64 -11.04 19.28 11.27
C ALA A 64 -11.31 17.76 11.47
N PHE A 65 -10.66 16.91 10.66
CA PHE A 65 -10.84 15.46 10.74
C PHE A 65 -9.76 14.81 11.59
N VAL A 66 -8.93 15.65 12.21
CA VAL A 66 -7.87 15.21 13.09
C VAL A 66 -8.25 15.62 14.50
N ALA A 67 -8.51 14.65 15.37
CA ALA A 67 -8.82 14.94 16.77
C ALA A 67 -7.64 15.52 17.54
N ALA A 68 -7.94 15.96 18.75
CA ALA A 68 -6.96 16.62 19.62
C ALA A 68 -5.70 15.78 19.81
N ASP A 69 -5.86 14.48 20.03
CA ASP A 69 -4.71 13.59 20.24
C ASP A 69 -3.92 13.27 18.95
N GLY A 70 -4.43 13.64 17.79
CA GLY A 70 -3.73 13.40 16.53
C GLY A 70 -4.34 12.25 15.74
N SER A 71 -5.35 11.63 16.31
CA SER A 71 -6.06 10.53 15.65
C SER A 71 -7.14 11.06 14.72
N LEU A 72 -7.66 10.15 13.89
CA LEU A 72 -8.83 10.44 13.04
C LEU A 72 -10.05 10.75 13.91
N ASP A 73 -10.79 11.78 13.53
CA ASP A 73 -12.10 12.05 14.12
C ASP A 73 -13.10 11.16 13.42
N ARG A 74 -13.37 10.00 14.01
CA ARG A 74 -14.12 8.97 13.29
C ARG A 74 -15.58 9.38 13.09
N ALA A 75 -16.14 10.10 14.05
CA ALA A 75 -17.52 10.61 13.93
C ALA A 75 -17.65 11.57 12.74
N ARG A 76 -16.78 12.57 12.66
CA ARG A 76 -16.79 13.48 11.48
C ARG A 76 -16.54 12.78 10.18
N MET A 77 -15.54 11.87 10.14
CA MET A 77 -15.26 11.17 8.91
C MET A 77 -16.44 10.32 8.47
N ARG A 78 -17.11 9.68 9.44
CA ARG A 78 -18.22 8.78 9.10
C ARG A 78 -19.38 9.55 8.46
N ALA A 79 -19.72 10.69 9.05
CA ALA A 79 -20.72 11.58 8.48
C ALA A 79 -20.42 11.90 7.00
N LEU A 80 -19.19 12.30 6.72
CA LEU A 80 -18.81 12.68 5.37
C LEU A 80 -18.94 11.50 4.39
N ILE A 81 -18.34 10.35 4.74
CA ILE A 81 -18.22 9.27 3.76
C ILE A 81 -19.53 8.54 3.46
N PHE A 82 -20.40 8.41 4.46
CA PHE A 82 -21.77 7.94 4.18
C PHE A 82 -22.60 8.96 3.36
N SER A 83 -22.34 10.25 3.53
CA SER A 83 -23.11 11.25 2.75
C SER A 83 -22.48 11.55 1.38
N ASP A 84 -21.18 11.28 1.21
CA ASP A 84 -20.49 11.64 -0.03
C ASP A 84 -19.59 10.50 -0.52
N GLU A 85 -19.94 9.94 -1.67
CA GLU A 85 -19.29 8.75 -2.17
C GLU A 85 -17.88 9.01 -2.69
N ASP A 86 -17.68 10.20 -3.27
CA ASP A 86 -16.34 10.63 -3.64
C ASP A 86 -15.43 10.71 -2.42
N ALA A 87 -15.96 11.23 -1.32
CA ALA A 87 -15.19 11.33 -0.07
C ALA A 87 -14.76 9.95 0.48
N ARG A 88 -15.63 8.95 0.33
CA ARG A 88 -15.36 7.58 0.77
C ARG A 88 -14.24 7.01 -0.07
N ARG A 89 -14.36 7.16 -1.38
CA ARG A 89 -13.34 6.68 -2.29
C ARG A 89 -11.98 7.34 -2.04
N ARG A 90 -11.98 8.63 -1.71
CA ARG A 90 -10.70 9.32 -1.41
C ARG A 90 -10.12 8.91 -0.06
N LEU A 91 -10.97 8.59 0.91
CA LEU A 91 -10.44 8.04 2.16
C LEU A 91 -9.79 6.70 1.89
N GLU A 92 -10.53 5.81 1.22
CA GLU A 92 -10.07 4.46 0.97
C GLU A 92 -8.83 4.42 0.08
N ALA A 93 -8.69 5.41 -0.80
CA ALA A 93 -7.50 5.48 -1.66
C ALA A 93 -6.26 5.71 -0.81
N ILE A 94 -6.47 6.25 0.39
CA ILE A 94 -5.36 6.43 1.35
C ILE A 94 -5.20 5.19 2.23
N THR A 95 -6.30 4.66 2.78
CA THR A 95 -6.19 3.68 3.87
C THR A 95 -5.97 2.30 3.31
N HIS A 96 -6.66 1.99 2.22
CA HIS A 96 -6.58 0.64 1.67
C HIS A 96 -5.19 0.15 1.27
N PRO A 97 -4.40 0.99 0.56
CA PRO A 97 -3.02 0.54 0.28
C PRO A 97 -2.21 0.39 1.56
N LEU A 98 -2.40 1.30 2.50
CA LEU A 98 -1.65 1.22 3.74
C LEU A 98 -2.05 -0.03 4.55
N ILE A 99 -3.32 -0.37 4.54
CA ILE A 99 -3.80 -1.59 5.25
C ILE A 99 -3.14 -2.83 4.61
N ARG A 100 -3.15 -2.88 3.29
CA ARG A 100 -2.57 -4.01 2.57
C ARG A 100 -1.08 -4.09 2.90
N ALA A 101 -0.41 -2.96 2.97
CA ALA A 101 1.01 -2.97 3.24
C ALA A 101 1.34 -3.44 4.66
N GLU A 102 0.66 -2.86 5.63
CA GLU A 102 0.88 -3.20 7.02
C GLU A 102 0.51 -4.64 7.34
N THR A 103 -0.44 -5.18 6.58
CA THR A 103 -0.76 -6.59 6.65
C THR A 103 0.51 -7.43 6.43
N GLU A 104 1.38 -7.04 5.49
CA GLU A 104 2.58 -7.82 5.22
C GLU A 104 3.53 -7.76 6.36
N ARG A 105 3.63 -6.61 6.98
CA ARG A 105 4.53 -6.46 8.07
C ARG A 105 4.09 -7.32 9.26
N GLU A 106 2.77 -7.31 9.56
CA GLU A 106 2.23 -8.12 10.64
C GLU A 106 2.36 -9.59 10.28
N ALA A 107 2.10 -9.98 9.04
CA ALA A 107 2.17 -11.39 8.67
C ALA A 107 3.59 -11.96 8.81
N ARG A 108 4.61 -11.13 8.54
CA ARG A 108 6.02 -11.52 8.64
C ARG A 108 6.40 -11.91 10.07
N ASP A 109 5.81 -11.24 11.05
CA ASP A 109 6.11 -11.51 12.44
C ASP A 109 5.25 -12.66 13.01
N ALA A 110 4.31 -13.21 12.23
CA ALA A 110 3.40 -14.23 12.74
C ALA A 110 4.15 -15.52 13.07
N GLN A 111 3.83 -16.13 14.21
CA GLN A 111 4.57 -17.31 14.66
C GLN A 111 3.80 -18.61 14.46
N GLY A 112 2.55 -18.54 14.04
CA GLY A 112 1.74 -19.78 13.93
C GLY A 112 2.02 -20.53 12.63
N PRO A 113 1.41 -21.71 12.47
CA PRO A 113 1.68 -22.54 11.29
C PRO A 113 1.08 -21.97 9.97
N TYR A 114 0.12 -21.07 10.07
CA TYR A 114 -0.40 -20.37 8.89
C TYR A 114 -1.03 -19.07 9.39
N VAL A 115 -1.34 -18.18 8.45
CA VAL A 115 -1.90 -16.88 8.79
CA VAL A 115 -1.92 -16.89 8.81
C VAL A 115 -3.30 -16.79 8.21
N ILE A 116 -4.18 -16.12 8.93
CA ILE A 116 -5.51 -15.83 8.46
C ILE A 116 -5.65 -14.30 8.39
N PHE A 117 -5.95 -13.80 7.19
CA PHE A 117 -6.21 -12.37 7.01
C PHE A 117 -7.72 -12.15 7.07
N VAL A 118 -8.18 -11.36 8.02
CA VAL A 118 -9.59 -11.02 8.08
C VAL A 118 -9.84 -9.79 7.27
N VAL A 119 -10.60 -9.97 6.20
CA VAL A 119 -10.80 -8.94 5.20
C VAL A 119 -12.28 -8.85 4.75
N PRO A 120 -12.97 -7.75 5.09
CA PRO A 120 -14.36 -7.52 4.63
C PRO A 120 -14.51 -7.48 3.12
N LEU A 121 -13.64 -6.77 2.42
CA LEU A 121 -13.84 -6.62 0.98
C LEU A 121 -12.93 -7.53 0.22
N LEU A 122 -13.00 -8.83 0.50
CA LEU A 122 -12.05 -9.73 -0.07
C LEU A 122 -12.39 -10.10 -1.53
N VAL A 123 -13.56 -10.68 -1.76
CA VAL A 123 -13.85 -11.23 -3.09
C VAL A 123 -13.97 -10.11 -4.12
N GLU A 124 -14.27 -8.92 -3.63
CA GLU A 124 -14.29 -7.71 -4.42
C GLU A 124 -12.91 -7.25 -4.89
N SER A 125 -11.83 -7.84 -4.37
CA SER A 125 -10.47 -7.34 -4.61
C SER A 125 -9.58 -8.36 -5.28
N ARG A 126 -9.06 -7.99 -6.44
CA ARG A 126 -8.15 -8.82 -7.18
C ARG A 126 -6.87 -9.00 -6.41
N ASN A 127 -6.48 -7.97 -5.64
CA ASN A 127 -5.26 -8.00 -4.86
C ASN A 127 -5.35 -9.06 -3.76
N TRP A 128 -6.42 -9.02 -2.99
CA TRP A 128 -6.60 -9.96 -1.91
C TRP A 128 -6.74 -11.40 -2.38
N LYS A 129 -7.50 -11.63 -3.44
CA LYS A 129 -7.65 -12.95 -4.01
C LYS A 129 -6.32 -13.59 -4.42
N ALA A 130 -5.49 -12.83 -5.11
CA ALA A 130 -4.18 -13.29 -5.49
C ALA A 130 -3.31 -13.56 -4.25
N ARG A 131 -3.48 -12.76 -3.19
CA ARG A 131 -2.61 -12.86 -2.04
C ARG A 131 -2.83 -14.12 -1.20
N CYS A 132 -4.05 -14.61 -1.17
CA CYS A 132 -4.44 -15.73 -0.29
C CYS A 132 -4.34 -17.05 -1.01
N ASP A 133 -3.85 -18.07 -0.32
CA ASP A 133 -3.92 -19.44 -0.81
C ASP A 133 -5.34 -19.95 -0.96
N ARG A 134 -6.24 -19.61 -0.04
CA ARG A 134 -7.64 -20.03 -0.08
C ARG A 134 -8.48 -18.95 0.54
N VAL A 135 -9.74 -18.92 0.15
CA VAL A 135 -10.70 -17.99 0.67
C VAL A 135 -11.78 -18.75 1.48
N LEU A 136 -11.97 -18.32 2.72
CA LEU A 136 -13.02 -18.86 3.60
C LEU A 136 -14.09 -17.79 3.78
N VAL A 137 -15.32 -18.12 3.40
CA VAL A 137 -16.48 -17.23 3.56
C VAL A 137 -17.34 -17.66 4.72
N VAL A 138 -17.57 -16.75 5.64
CA VAL A 138 -18.50 -16.94 6.72
C VAL A 138 -19.81 -16.34 6.25
N ASP A 139 -20.84 -17.17 6.17
CA ASP A 139 -22.03 -16.87 5.38
C ASP A 139 -23.21 -16.87 6.30
N CYS A 140 -24.18 -16.02 6.00
CA CYS A 140 -25.47 -16.10 6.63
C CYS A 140 -26.54 -15.30 5.86
N PRO A 141 -27.83 -15.52 6.14
CA PRO A 141 -28.85 -14.68 5.44
C PRO A 141 -28.67 -13.21 5.67
N VAL A 142 -29.08 -12.41 4.67
CA VAL A 142 -29.03 -10.96 4.73
C VAL A 142 -29.86 -10.43 5.92
N ASP A 143 -30.98 -11.08 6.17
CA ASP A 143 -31.85 -10.75 7.31
C ASP A 143 -31.08 -10.86 8.61
N THR A 144 -30.30 -11.95 8.75
CA THR A 144 -29.45 -12.13 9.94
C THR A 144 -28.37 -11.07 10.03
N GLN A 145 -27.71 -10.76 8.92
CA GLN A 145 -26.75 -9.68 8.89
C GLN A 145 -27.33 -8.35 9.40
N ILE A 146 -28.48 -7.98 8.84
CA ILE A 146 -29.15 -6.72 9.15
C ILE A 146 -29.39 -6.65 10.64
N ALA A 147 -30.13 -7.62 11.15
CA ALA A 147 -30.46 -7.69 12.57
C ALA A 147 -29.21 -7.58 13.45
N ARG A 148 -28.19 -8.39 13.18
CA ARG A 148 -27.03 -8.41 14.04
C ARG A 148 -26.34 -7.07 14.11
N VAL A 149 -26.26 -6.41 12.96
CA VAL A 149 -25.44 -5.22 12.82
C VAL A 149 -26.08 -4.04 13.54
N MET A 150 -27.41 -4.04 13.52
CA MET A 150 -28.19 -3.00 14.16
C MET A 150 -28.08 -3.19 15.66
N GLN A 151 -28.51 -4.39 16.11
CA GLN A 151 -28.60 -4.77 17.53
C GLN A 151 -27.30 -4.64 18.32
N ARG A 152 -26.16 -4.59 17.63
CA ARG A 152 -24.84 -4.67 18.29
C ARG A 152 -23.83 -3.54 18.00
N ASN A 153 -23.87 -2.95 16.80
CA ASN A 153 -22.94 -1.86 16.45
C ASN A 153 -23.72 -0.52 16.54
N GLY A 154 -25.06 -0.60 16.51
CA GLY A 154 -25.93 0.60 16.58
C GLY A 154 -25.94 1.41 15.27
N PHE A 155 -25.54 0.76 14.15
CA PHE A 155 -25.74 1.32 12.81
C PHE A 155 -27.26 1.48 12.57
N THR A 156 -27.62 2.59 11.90
CA THR A 156 -28.97 2.79 11.28
C THR A 156 -29.15 1.73 10.18
N ARG A 157 -30.39 1.27 9.95
CA ARG A 157 -30.67 0.26 8.92
C ARG A 157 -29.97 0.66 7.60
N GLU A 158 -30.19 1.92 7.21
CA GLU A 158 -29.75 2.50 5.92
C GLU A 158 -28.24 2.50 5.71
N GLN A 159 -27.49 2.72 6.78
CA GLN A 159 -26.03 2.55 6.72
C GLN A 159 -25.70 1.06 6.41
N VAL A 160 -26.43 0.13 7.05
CA VAL A 160 -26.13 -1.32 6.87
C VAL A 160 -26.39 -1.70 5.41
N GLU A 161 -27.61 -1.40 4.98
CA GLU A 161 -28.02 -1.63 3.60
C GLU A 161 -27.10 -0.95 2.59
N ALA A 162 -26.57 0.21 2.94
CA ALA A 162 -25.63 0.91 2.06
C ALA A 162 -24.30 0.16 2.01
N ILE A 163 -23.89 -0.37 3.17
CA ILE A 163 -22.75 -1.25 3.23
C ILE A 163 -23.11 -2.53 2.45
N ILE A 164 -24.30 -3.10 2.70
CA ILE A 164 -24.69 -4.36 2.02
C ILE A 164 -24.68 -4.11 0.50
N ALA A 165 -25.19 -2.95 0.08
CA ALA A 165 -25.20 -2.57 -1.34
C ALA A 165 -23.79 -2.36 -1.89
N ARG A 166 -22.83 -1.96 -1.05
CA ARG A 166 -21.45 -1.80 -1.54
C ARG A 166 -20.73 -3.13 -1.66
N GLN A 167 -21.06 -4.06 -0.76
CA GLN A 167 -20.40 -5.36 -0.73
C GLN A 167 -20.96 -6.34 -1.79
N ALA A 168 -20.14 -7.28 -2.22
CA ALA A 168 -20.61 -8.33 -3.12
C ALA A 168 -21.86 -8.99 -2.60
N THR A 169 -22.63 -9.58 -3.51
CA THR A 169 -23.79 -10.35 -3.13
C THR A 169 -23.37 -11.59 -2.37
N ARG A 170 -24.31 -12.10 -1.59
CA ARG A 170 -24.12 -13.37 -0.92
C ARG A 170 -23.75 -14.45 -1.90
N GLU A 171 -24.49 -14.50 -3.02
CA GLU A 171 -24.31 -15.51 -4.00
C GLU A 171 -22.92 -15.41 -4.62
N ALA A 172 -22.49 -14.20 -4.93
CA ALA A 172 -21.20 -14.04 -5.58
C ALA A 172 -20.07 -14.40 -4.61
N ARG A 173 -20.26 -14.07 -3.35
CA ARG A 173 -19.30 -14.37 -2.32
CA ARG A 173 -19.29 -14.38 -2.33
C ARG A 173 -19.14 -15.89 -2.20
N LEU A 174 -20.28 -16.57 -2.15
CA LEU A 174 -20.28 -18.02 -1.99
C LEU A 174 -19.68 -18.69 -3.20
N ALA A 175 -19.92 -18.14 -4.38
CA ALA A 175 -19.37 -18.76 -5.56
C ALA A 175 -17.86 -18.60 -5.66
N ALA A 176 -17.29 -17.61 -4.97
CA ALA A 176 -15.84 -17.37 -4.99
C ALA A 176 -15.09 -17.99 -3.79
N ALA A 177 -15.83 -18.70 -2.95
CA ALA A 177 -15.28 -19.34 -1.75
C ALA A 177 -14.51 -20.58 -2.13
N ASP A 178 -13.44 -20.86 -1.39
CA ASP A 178 -12.88 -22.18 -1.37
C ASP A 178 -13.49 -23.00 -0.22
N ASP A 179 -13.69 -22.36 0.93
CA ASP A 179 -14.35 -22.99 2.08
C ASP A 179 -15.46 -22.07 2.56
N VAL A 180 -16.48 -22.67 3.20
CA VAL A 180 -17.62 -21.94 3.67
C VAL A 180 -17.99 -22.42 5.05
N ILE A 181 -18.24 -21.47 5.97
CA ILE A 181 -18.93 -21.80 7.23
C ILE A 181 -20.19 -20.97 7.34
N VAL A 182 -21.34 -21.63 7.51
CA VAL A 182 -22.61 -20.94 7.59
C VAL A 182 -22.79 -20.60 9.05
N ASN A 183 -22.82 -19.32 9.36
CA ASN A 183 -23.00 -18.84 10.74
C ASN A 183 -24.32 -18.09 10.93
N ASP A 184 -25.42 -18.83 11.03
CA ASP A 184 -26.73 -18.21 11.16
C ASP A 184 -27.21 -18.46 12.59
N ALA A 185 -27.82 -19.60 12.81
CA ALA A 185 -28.29 -19.98 14.13
C ALA A 185 -27.33 -20.97 14.80
N ALA A 186 -26.13 -21.11 14.24
CA ALA A 186 -25.14 -22.05 14.80
C ALA A 186 -24.68 -21.64 16.19
N THR A 187 -24.68 -22.59 17.12
CA THR A 187 -24.03 -22.40 18.42
C THR A 187 -22.51 -22.30 18.29
N PRO A 188 -21.85 -21.69 19.29
CA PRO A 188 -20.39 -21.69 19.36
C PRO A 188 -19.77 -23.08 19.23
N ASP A 189 -20.33 -24.05 19.94
CA ASP A 189 -19.86 -25.42 19.86
C ASP A 189 -19.96 -25.95 18.44
N ALA A 190 -21.09 -25.68 17.79
CA ALA A 190 -21.34 -26.12 16.39
C ALA A 190 -20.32 -25.48 15.42
N LEU A 191 -20.04 -24.20 15.60
CA LEU A 191 -19.04 -23.53 14.77
C LEU A 191 -17.66 -24.16 15.00
N ALA A 192 -17.37 -24.48 16.24
CA ALA A 192 -16.08 -25.04 16.60
C ALA A 192 -15.81 -26.37 15.91
N VAL A 193 -16.86 -27.15 15.71
CA VAL A 193 -16.71 -28.40 14.96
C VAL A 193 -16.21 -28.15 13.53
N GLN A 194 -16.79 -27.15 12.86
CA GLN A 194 -16.40 -26.86 11.48
C GLN A 194 -15.00 -26.32 11.45
N VAL A 195 -14.72 -25.42 12.39
CA VAL A 195 -13.39 -24.85 12.52
C VAL A 195 -12.30 -25.87 12.84
N ASP A 196 -12.57 -26.84 13.71
CA ASP A 196 -11.57 -27.85 14.01
C ASP A 196 -11.15 -28.60 12.74
N ALA A 197 -12.12 -28.90 11.90
CA ALA A 197 -11.89 -29.65 10.68
C ALA A 197 -11.06 -28.83 9.65
N LEU A 198 -11.45 -27.57 9.47
CA LEU A 198 -10.71 -26.70 8.54
C LEU A 198 -9.27 -26.50 9.02
N HIS A 199 -9.13 -26.29 10.32
CA HIS A 199 -7.80 -26.11 10.90
C HIS A 199 -6.85 -27.28 10.58
N GLN A 200 -7.36 -28.50 10.74
CA GLN A 200 -6.56 -29.66 10.37
C GLN A 200 -6.18 -29.64 8.89
N ARG A 201 -7.16 -29.35 8.03
CA ARG A 201 -6.93 -29.27 6.61
C ARG A 201 -5.91 -28.16 6.28
N TYR A 202 -6.00 -27.04 7.01
CA TYR A 202 -5.09 -25.88 6.75
C TYR A 202 -3.67 -26.20 7.21
N LEU A 203 -3.54 -26.89 8.34
CA LEU A 203 -2.22 -27.42 8.75
C LEU A 203 -1.59 -28.31 7.69
N ALA A 204 -2.34 -29.22 7.09
CA ALA A 204 -1.83 -30.05 5.99
C ALA A 204 -1.46 -29.23 4.74
N PHE A 205 -2.29 -28.27 4.35
CA PHE A 205 -1.94 -27.40 3.25
C PHE A 205 -0.65 -26.63 3.53
N ALA A 206 -0.53 -26.08 4.72
CA ALA A 206 0.64 -25.31 5.10
C ALA A 206 1.89 -26.19 5.06
N ALA A 207 1.80 -27.39 5.64
CA ALA A 207 2.93 -28.30 5.65
C ALA A 207 3.39 -28.66 4.23
N ALA A 208 2.44 -28.83 3.32
CA ALA A 208 2.76 -29.14 1.93
C ALA A 208 3.45 -27.97 1.24
N LYS A 209 2.99 -26.76 1.52
CA LYS A 209 3.56 -25.58 0.86
C LYS A 209 5.03 -25.35 1.23
N HIS A 210 5.42 -25.72 2.44
CA HIS A 210 6.78 -25.56 2.91
C HIS A 210 7.77 -26.45 2.16
N HIS B 8 2.71 17.55 11.26
CA HIS B 8 3.69 16.73 10.49
C HIS B 8 4.63 17.56 9.59
N MET B 9 5.75 16.94 9.26
CA MET B 9 6.89 17.60 8.67
C MET B 9 6.67 18.03 7.23
N TYR B 10 7.09 19.25 6.94
CA TYR B 10 7.05 19.84 5.58
C TYR B 10 7.74 18.91 4.57
N ALA B 11 7.07 18.63 3.47
CA ALA B 11 7.53 17.66 2.51
C ALA B 11 7.54 18.18 1.09
N ILE B 12 8.69 18.04 0.44
CA ILE B 12 8.85 18.38 -0.96
C ILE B 12 8.96 17.10 -1.76
N GLY B 13 8.14 16.96 -2.78
CA GLY B 13 8.27 15.86 -3.72
C GLY B 13 9.27 16.23 -4.80
N LEU B 14 10.30 15.41 -4.95
CA LEU B 14 11.29 15.61 -5.98
C LEU B 14 11.06 14.56 -7.07
N THR B 15 10.75 15.01 -8.26
CA THR B 15 10.46 14.10 -9.34
C THR B 15 11.22 14.53 -10.59
N GLY B 16 10.90 13.87 -11.71
CA GLY B 16 11.64 13.97 -12.98
C GLY B 16 11.59 12.62 -13.69
N GLY B 17 11.70 12.63 -15.00
CA GLY B 17 11.73 11.38 -15.78
C GLY B 17 12.93 10.53 -15.48
N ILE B 18 12.89 9.26 -15.88
CA ILE B 18 14.05 8.42 -15.72
C ILE B 18 15.23 9.07 -16.46
N GLY B 19 16.39 9.06 -15.83
CA GLY B 19 17.61 9.62 -16.40
C GLY B 19 17.80 11.16 -16.25
N SER B 20 16.98 11.79 -15.42
N SER B 20 17.00 11.79 -15.41
CA SER B 20 17.02 13.25 -15.21
CA SER B 20 17.03 13.25 -15.23
C SER B 20 18.08 13.67 -14.22
C SER B 20 18.07 13.67 -14.21
N GLY B 21 18.62 12.69 -13.49
CA GLY B 21 19.62 12.97 -12.47
C GLY B 21 19.00 13.37 -11.14
N LYS B 22 17.81 12.87 -10.86
CA LYS B 22 17.15 13.12 -9.57
C LYS B 22 18.05 12.87 -8.37
N THR B 23 18.83 11.79 -8.38
CA THR B 23 19.69 11.42 -7.23
C THR B 23 20.82 12.42 -7.00
N THR B 24 21.42 12.87 -8.08
CA THR B 24 22.44 13.90 -7.99
C THR B 24 21.89 15.12 -7.22
N VAL B 25 20.70 15.58 -7.62
CA VAL B 25 20.08 16.73 -6.98
C VAL B 25 19.65 16.40 -5.56
N ALA B 26 19.00 15.25 -5.37
CA ALA B 26 18.56 14.79 -4.04
C ALA B 26 19.73 14.74 -3.07
N ASP B 27 20.87 14.22 -3.52
CA ASP B 27 22.08 14.11 -2.68
C ASP B 27 22.62 15.49 -2.25
N LEU B 28 22.55 16.48 -3.15
CA LEU B 28 22.89 17.83 -2.77
C LEU B 28 22.00 18.38 -1.66
N PHE B 29 20.69 18.14 -1.71
CA PHE B 29 19.82 18.57 -0.61
C PHE B 29 20.15 17.83 0.72
N ALA B 30 20.42 16.52 0.62
CA ALA B 30 20.74 15.72 1.83
C ALA B 30 22.01 16.27 2.48
N ALA B 31 23.02 16.61 1.68
CA ALA B 31 24.21 17.25 2.23
C ALA B 31 23.99 18.57 2.96
N ARG B 32 22.87 19.24 2.71
CA ARG B 32 22.59 20.52 3.35
C ARG B 32 21.68 20.35 4.55
N GLY B 33 21.36 19.10 4.90
CA GLY B 33 20.50 18.84 6.06
C GLY B 33 19.09 18.37 5.78
N ALA B 34 18.64 18.36 4.52
CA ALA B 34 17.31 17.84 4.22
C ALA B 34 17.23 16.34 4.56
N SER B 35 16.15 15.87 5.18
CA SER B 35 15.93 14.40 5.26
C SER B 35 15.41 13.92 3.92
N LEU B 36 15.92 12.81 3.44
CA LEU B 36 15.64 12.29 2.11
CA LEU B 36 15.65 12.28 2.11
C LEU B 36 14.99 10.91 2.22
N VAL B 37 13.89 10.70 1.51
CA VAL B 37 13.29 9.38 1.38
C VAL B 37 13.28 9.04 -0.10
N ASP B 38 14.02 8.01 -0.48
CA ASP B 38 14.09 7.66 -1.89
C ASP B 38 13.27 6.42 -2.17
N THR B 39 12.17 6.59 -2.90
CA THR B 39 11.23 5.51 -3.10
C THR B 39 11.82 4.41 -3.97
N ASP B 40 12.75 4.77 -4.84
CA ASP B 40 13.49 3.79 -5.65
C ASP B 40 14.39 2.89 -4.80
N LEU B 41 15.06 3.47 -3.83
CA LEU B 41 15.81 2.70 -2.89
C LEU B 41 14.90 1.80 -2.07
N ILE B 42 13.73 2.29 -1.63
CA ILE B 42 12.80 1.45 -0.86
C ILE B 42 12.40 0.28 -1.73
N ALA B 43 12.04 0.57 -2.99
CA ALA B 43 11.62 -0.49 -3.92
C ALA B 43 12.69 -1.57 -4.02
N HIS B 44 13.94 -1.16 -4.08
CA HIS B 44 15.09 -2.11 -4.11
C HIS B 44 15.15 -2.93 -2.82
N ARG B 45 15.07 -2.25 -1.69
CA ARG B 45 15.16 -2.85 -0.37
CA ARG B 45 15.18 -2.91 -0.37
C ARG B 45 14.06 -3.92 -0.13
N ILE B 46 12.84 -3.60 -0.51
CA ILE B 46 11.76 -4.50 -0.27
C ILE B 46 11.76 -5.75 -1.16
N THR B 47 12.61 -5.78 -2.18
CA THR B 47 12.75 -6.93 -3.05
C THR B 47 14.14 -7.52 -2.94
N ALA B 48 14.87 -7.10 -1.89
CA ALA B 48 16.17 -7.65 -1.57
C ALA B 48 15.99 -8.87 -0.67
N PRO B 49 17.07 -9.57 -0.29
CA PRO B 49 16.90 -10.71 0.62
C PRO B 49 16.13 -10.32 1.84
N ALA B 50 15.19 -11.15 2.23
CA ALA B 50 14.29 -10.85 3.34
C ALA B 50 13.51 -9.54 3.18
N GLY B 51 13.38 -9.00 1.98
CA GLY B 51 12.61 -7.76 1.78
C GLY B 51 11.12 -8.00 2.03
N LEU B 52 10.47 -6.97 2.55
CA LEU B 52 9.04 -7.01 2.87
C LEU B 52 8.11 -7.49 1.77
N ALA B 53 8.47 -7.28 0.49
CA ALA B 53 7.58 -7.58 -0.63
C ALA B 53 7.64 -9.01 -1.04
N MET B 54 8.63 -9.75 -0.51
CA MET B 54 8.95 -11.01 -1.12
C MET B 54 7.88 -12.09 -0.91
N PRO B 55 7.26 -12.15 0.28
CA PRO B 55 6.20 -13.16 0.40
C PRO B 55 5.05 -12.93 -0.59
N ALA B 56 4.65 -11.70 -0.81
CA ALA B 56 3.53 -11.43 -1.73
C ALA B 56 3.93 -11.67 -3.19
N ILE B 57 5.16 -11.31 -3.54
CA ILE B 57 5.69 -11.61 -4.87
C ILE B 57 5.69 -13.08 -5.13
N GLU B 58 6.16 -13.86 -4.19
CA GLU B 58 6.19 -15.28 -4.40
C GLU B 58 4.77 -15.85 -4.59
N GLN B 59 3.85 -15.31 -3.82
CA GLN B 59 2.47 -15.75 -3.87
C GLN B 59 1.84 -15.51 -5.25
N THR B 60 2.05 -14.34 -5.81
CA THR B 60 1.51 -13.99 -7.14
C THR B 60 2.32 -14.53 -8.31
N PHE B 61 3.65 -14.44 -8.25
CA PHE B 61 4.48 -14.79 -9.41
C PHE B 61 5.13 -16.17 -9.29
N GLY B 62 5.24 -16.66 -8.06
CA GLY B 62 5.77 -17.99 -7.80
C GLY B 62 7.28 -18.03 -7.67
N PRO B 63 7.81 -19.21 -7.28
CA PRO B 63 9.25 -19.34 -7.00
C PRO B 63 10.22 -19.13 -8.15
N ALA B 64 9.75 -19.09 -9.39
CA ALA B 64 10.67 -18.81 -10.49
C ALA B 64 11.30 -17.43 -10.35
N PHE B 65 10.62 -16.53 -9.64
CA PHE B 65 11.11 -15.16 -9.45
C PHE B 65 11.79 -14.90 -8.10
N VAL B 66 11.98 -15.95 -7.31
CA VAL B 66 12.73 -15.86 -6.04
C VAL B 66 14.09 -16.56 -6.19
N ALA B 67 15.15 -15.77 -6.11
CA ALA B 67 16.51 -16.31 -6.23
C ALA B 67 16.84 -17.10 -4.96
N ALA B 68 17.94 -17.82 -4.97
CA ALA B 68 18.27 -18.71 -3.88
C ALA B 68 18.70 -17.98 -2.59
N ASP B 69 18.93 -16.68 -2.66
CA ASP B 69 19.14 -15.91 -1.44
C ASP B 69 17.87 -15.31 -0.87
N GLY B 70 16.72 -15.60 -1.51
CA GLY B 70 15.44 -15.08 -1.05
C GLY B 70 15.04 -13.75 -1.65
N SER B 71 15.87 -13.19 -2.53
CA SER B 71 15.60 -11.89 -3.10
C SER B 71 14.81 -12.07 -4.39
N LEU B 72 14.33 -10.97 -4.94
CA LEU B 72 13.74 -11.01 -6.28
C LEU B 72 14.79 -11.32 -7.33
N ASP B 73 14.45 -12.21 -8.27
CA ASP B 73 15.25 -12.39 -9.48
C ASP B 73 14.90 -11.25 -10.43
N ARG B 74 15.70 -10.18 -10.37
CA ARG B 74 15.37 -8.95 -11.04
C ARG B 74 15.37 -9.06 -12.56
N ALA B 75 16.35 -9.75 -13.12
CA ALA B 75 16.42 -9.97 -14.56
C ALA B 75 15.15 -10.70 -15.04
N ARG B 76 14.73 -11.74 -14.30
CA ARG B 76 13.56 -12.52 -14.72
C ARG B 76 12.31 -11.66 -14.61
N MET B 77 12.19 -10.90 -13.53
CA MET B 77 11.04 -9.99 -13.38
C MET B 77 11.04 -8.90 -14.47
N ARG B 78 12.20 -8.31 -14.72
CA ARG B 78 12.36 -7.25 -15.74
C ARG B 78 11.88 -7.77 -17.10
N ALA B 79 12.36 -8.97 -17.49
CA ALA B 79 11.94 -9.60 -18.76
C ALA B 79 10.42 -9.79 -18.79
N LEU B 80 9.82 -10.27 -17.71
CA LEU B 80 8.37 -10.38 -17.66
C LEU B 80 7.62 -9.03 -17.76
N ILE B 81 7.88 -8.09 -16.87
CA ILE B 81 7.03 -6.91 -16.78
C ILE B 81 7.13 -5.99 -18.00
N PHE B 82 8.23 -6.09 -18.74
CA PHE B 82 8.39 -5.34 -19.98
C PHE B 82 7.71 -6.04 -21.16
N SER B 83 7.32 -7.30 -20.98
CA SER B 83 6.63 -8.02 -22.03
C SER B 83 5.13 -8.11 -21.76
N ASP B 84 4.69 -7.77 -20.54
CA ASP B 84 3.35 -8.17 -20.06
C ASP B 84 2.78 -7.16 -19.05
N GLU B 85 1.93 -6.29 -19.56
CA GLU B 85 1.42 -5.18 -18.79
C GLU B 85 0.58 -5.63 -17.61
N ASP B 86 -0.17 -6.73 -17.69
CA ASP B 86 -0.82 -7.29 -16.49
C ASP B 86 0.24 -7.59 -15.42
N ALA B 87 1.34 -8.23 -15.83
CA ALA B 87 2.40 -8.57 -14.88
C ALA B 87 2.94 -7.31 -14.18
N ARG B 88 3.34 -6.31 -14.97
CA ARG B 88 3.80 -5.01 -14.41
C ARG B 88 2.80 -4.46 -13.43
N ARG B 89 1.53 -4.51 -13.80
CA ARG B 89 0.48 -3.97 -12.95
C ARG B 89 0.35 -4.81 -11.69
N ARG B 90 0.41 -6.13 -11.79
CA ARG B 90 0.35 -7.00 -10.61
CA ARG B 90 0.31 -6.93 -10.58
C ARG B 90 1.53 -6.73 -9.68
N LEU B 91 2.71 -6.50 -10.27
CA LEU B 91 3.90 -6.20 -9.44
C LEU B 91 3.76 -4.88 -8.68
N GLU B 92 3.37 -3.83 -9.37
CA GLU B 92 3.23 -2.53 -8.72
C GLU B 92 2.11 -2.54 -7.67
N ALA B 93 1.10 -3.39 -7.86
CA ALA B 93 0.06 -3.48 -6.87
C ALA B 93 0.59 -4.05 -5.56
N ILE B 94 1.72 -4.77 -5.62
CA ILE B 94 2.34 -5.28 -4.44
C ILE B 94 3.27 -4.23 -3.84
N THR B 95 4.16 -3.68 -4.68
CA THR B 95 5.26 -2.87 -4.16
C THR B 95 4.82 -1.46 -3.83
N HIS B 96 3.89 -0.90 -4.60
CA HIS B 96 3.55 0.50 -4.36
C HIS B 96 2.95 0.78 -2.96
N PRO B 97 2.00 -0.06 -2.50
CA PRO B 97 1.49 0.17 -1.15
C PRO B 97 2.64 0.10 -0.12
N LEU B 98 3.54 -0.85 -0.30
CA LEU B 98 4.66 -1.00 0.64
C LEU B 98 5.58 0.23 0.63
N ILE B 99 5.80 0.77 -0.56
CA ILE B 99 6.60 2.01 -0.72
C ILE B 99 5.93 3.16 0.02
N ARG B 100 4.61 3.25 -0.11
CA ARG B 100 3.89 4.28 0.62
C ARG B 100 4.08 4.14 2.11
N ALA B 101 3.91 2.93 2.62
CA ALA B 101 4.02 2.71 4.06
C ALA B 101 5.44 3.01 4.54
N GLU B 102 6.43 2.50 3.84
CA GLU B 102 7.82 2.71 4.24
C GLU B 102 8.13 4.19 4.15
N THR B 103 7.54 4.86 3.15
CA THR B 103 7.77 6.29 3.01
C THR B 103 7.25 6.98 4.24
N GLU B 104 6.05 6.62 4.69
CA GLU B 104 5.49 7.28 5.87
C GLU B 104 6.28 6.94 7.14
N ARG B 105 6.77 5.70 7.24
CA ARG B 105 7.60 5.30 8.39
C ARG B 105 8.83 6.18 8.49
N GLU B 106 9.55 6.31 7.38
CA GLU B 106 10.76 7.13 7.35
C GLU B 106 10.45 8.59 7.58
N ALA B 107 9.35 9.08 7.03
CA ALA B 107 9.02 10.49 7.24
C ALA B 107 8.73 10.74 8.72
N ARG B 108 8.07 9.77 9.35
CA ARG B 108 7.69 9.92 10.76
C ARG B 108 8.95 10.01 11.64
N ASP B 109 10.01 9.32 11.25
CA ASP B 109 11.26 9.35 11.99
C ASP B 109 12.25 10.41 11.54
N ALA B 110 11.94 11.15 10.48
CA ALA B 110 12.95 12.04 9.91
C ALA B 110 13.29 13.13 10.93
N GLN B 111 14.57 13.50 10.96
CA GLN B 111 15.09 14.47 11.94
C GLN B 111 15.38 15.87 11.38
N GLY B 112 15.49 15.98 10.06
CA GLY B 112 15.86 17.25 9.42
C GLY B 112 14.76 18.29 9.51
N PRO B 113 15.01 19.52 9.01
CA PRO B 113 14.03 20.59 9.08
C PRO B 113 12.86 20.39 8.12
N TYR B 114 13.03 19.52 7.13
CA TYR B 114 11.98 19.17 6.21
C TYR B 114 12.41 17.91 5.51
N VAL B 115 11.49 17.30 4.78
CA VAL B 115 11.77 16.03 4.12
C VAL B 115 11.50 16.14 2.61
N ILE B 116 12.35 15.45 1.85
CA ILE B 116 12.16 15.30 0.44
C ILE B 116 11.81 13.84 0.10
N PHE B 117 10.72 13.64 -0.62
CA PHE B 117 10.39 12.33 -1.17
C PHE B 117 10.81 12.29 -2.62
N VAL B 118 11.72 11.39 -2.98
CA VAL B 118 12.11 11.25 -4.37
C VAL B 118 11.19 10.23 -4.99
N VAL B 119 10.38 10.68 -5.94
CA VAL B 119 9.31 9.88 -6.52
C VAL B 119 9.20 10.02 -8.03
N PRO B 120 9.51 8.94 -8.76
CA PRO B 120 9.51 9.05 -10.21
C PRO B 120 8.17 9.44 -10.82
N LEU B 121 7.07 8.81 -10.42
CA LEU B 121 5.81 9.07 -11.14
C LEU B 121 4.87 10.02 -10.39
N LEU B 122 5.47 11.09 -9.87
CA LEU B 122 4.80 11.96 -8.93
C LEU B 122 3.64 12.72 -9.58
N VAL B 123 3.87 13.46 -10.66
CA VAL B 123 2.78 14.31 -11.17
C VAL B 123 1.68 13.45 -11.83
N GLU B 124 2.03 12.19 -12.08
CA GLU B 124 1.13 11.19 -12.62
C GLU B 124 0.19 10.62 -11.54
N SER B 125 0.37 11.01 -10.27
CA SER B 125 -0.31 10.41 -9.10
C SER B 125 -1.03 11.47 -8.28
N ARG B 126 -2.35 11.34 -8.23
CA ARG B 126 -3.18 12.22 -7.41
C ARG B 126 -2.71 12.15 -5.96
N ASN B 127 -2.40 10.94 -5.51
CA ASN B 127 -2.02 10.73 -4.11
C ASN B 127 -0.68 11.37 -3.74
N TRP B 128 0.35 11.17 -4.53
CA TRP B 128 1.64 11.82 -4.25
C TRP B 128 1.58 13.34 -4.32
N LYS B 129 0.84 13.88 -5.29
CA LYS B 129 0.67 15.34 -5.38
C LYS B 129 -0.03 15.88 -4.14
N ALA B 130 -1.12 15.23 -3.74
CA ALA B 130 -1.80 15.67 -2.52
C ALA B 130 -0.91 15.56 -1.28
N ARG B 131 -0.05 14.56 -1.25
CA ARG B 131 0.73 14.28 -0.05
C ARG B 131 1.80 15.35 0.18
N CYS B 132 2.39 15.82 -0.90
CA CYS B 132 3.49 16.77 -0.81
C CYS B 132 3.05 18.24 -0.64
N ASP B 133 3.82 18.99 0.10
CA ASP B 133 3.62 20.43 0.19
C ASP B 133 4.04 21.19 -1.08
N ARG B 134 5.11 20.75 -1.74
CA ARG B 134 5.58 21.37 -3.00
C ARG B 134 6.13 20.28 -3.89
N VAL B 135 6.21 20.56 -5.18
CA VAL B 135 6.82 19.63 -6.13
C VAL B 135 8.01 20.33 -6.81
N LEU B 136 9.17 19.71 -6.69
CA LEU B 136 10.38 20.06 -7.43
C LEU B 136 10.55 19.10 -8.61
N VAL B 137 10.62 19.63 -9.84
CA VAL B 137 10.90 18.82 -11.05
C VAL B 137 12.34 19.03 -11.45
N VAL B 138 13.08 17.95 -11.53
CA VAL B 138 14.41 17.93 -12.14
C VAL B 138 14.21 17.58 -13.59
N ASP B 139 14.38 18.58 -14.44
CA ASP B 139 14.00 18.51 -15.83
C ASP B 139 15.22 18.30 -16.70
N CYS B 140 15.07 17.58 -17.80
CA CYS B 140 16.10 17.57 -18.81
C CYS B 140 15.64 16.95 -20.12
N PRO B 141 16.32 17.28 -21.21
CA PRO B 141 15.81 16.78 -22.50
C PRO B 141 15.82 15.24 -22.60
N VAL B 142 14.87 14.71 -23.33
CA VAL B 142 14.69 13.28 -23.44
C VAL B 142 15.97 12.61 -23.98
N ASP B 143 16.65 13.20 -24.95
CA ASP B 143 17.86 12.55 -25.48
C ASP B 143 18.96 12.46 -24.42
N THR B 144 19.01 13.42 -23.51
CA THR B 144 19.92 13.32 -22.38
C THR B 144 19.49 12.25 -21.40
N GLN B 145 18.20 12.17 -21.10
CA GLN B 145 17.68 11.12 -20.26
C GLN B 145 18.06 9.75 -20.81
N ILE B 146 17.84 9.55 -22.09
CA ILE B 146 18.16 8.24 -22.69
C ILE B 146 19.65 7.93 -22.60
N ALA B 147 20.48 8.89 -23.00
CA ALA B 147 21.92 8.73 -22.84
C ALA B 147 22.31 8.34 -21.40
N ARG B 148 21.76 9.02 -20.39
CA ARG B 148 22.11 8.69 -19.00
C ARG B 148 21.70 7.29 -18.57
N VAL B 149 20.53 6.85 -18.99
CA VAL B 149 20.06 5.53 -18.58
C VAL B 149 20.91 4.44 -19.28
N MET B 150 21.26 4.69 -20.53
CA MET B 150 22.02 3.74 -21.33
C MET B 150 23.44 3.62 -20.73
N GLN B 151 24.02 4.71 -20.22
CA GLN B 151 25.30 4.66 -19.49
C GLN B 151 25.32 3.74 -18.29
N ARG B 152 24.16 3.58 -17.63
CA ARG B 152 24.05 2.89 -16.34
C ARG B 152 23.89 1.37 -16.40
N ASN B 153 22.66 0.92 -16.61
CA ASN B 153 22.30 -0.49 -16.55
C ASN B 153 21.99 -1.00 -17.94
N GLY B 154 22.32 -0.18 -18.95
CA GLY B 154 22.09 -0.50 -20.35
C GLY B 154 20.88 -1.35 -20.68
N PHE B 155 19.68 -0.88 -20.36
CA PHE B 155 18.45 -1.43 -20.97
C PHE B 155 18.64 -1.23 -22.49
N THR B 156 17.79 -1.82 -23.33
CA THR B 156 17.81 -1.41 -24.75
C THR B 156 17.26 0.00 -24.76
N ARG B 157 17.59 0.79 -25.78
CA ARG B 157 16.81 2.00 -26.00
C ARG B 157 15.28 1.68 -25.92
N GLU B 158 14.96 0.38 -26.02
CA GLU B 158 13.61 -0.13 -26.03
C GLU B 158 12.99 -0.19 -24.63
N GLN B 159 13.68 -0.71 -23.64
CA GLN B 159 13.13 -0.65 -22.30
C GLN B 159 12.99 0.85 -21.95
N VAL B 160 14.05 1.62 -22.24
CA VAL B 160 14.09 3.02 -21.81
C VAL B 160 12.97 3.80 -22.47
N GLU B 161 12.83 3.66 -23.78
CA GLU B 161 11.73 4.36 -24.44
C GLU B 161 10.34 3.90 -23.95
N ALA B 162 10.22 2.64 -23.56
CA ALA B 162 8.97 2.13 -22.96
C ALA B 162 8.67 2.81 -21.62
N ILE B 163 9.68 2.85 -20.77
CA ILE B 163 9.55 3.55 -19.49
C ILE B 163 9.17 5.00 -19.75
N ILE B 164 9.82 5.66 -20.71
CA ILE B 164 9.54 7.06 -20.97
C ILE B 164 8.10 7.23 -21.46
N ALA B 165 7.64 6.31 -22.31
CA ALA B 165 6.29 6.39 -22.83
C ALA B 165 5.23 6.28 -21.74
N ARG B 166 5.54 5.62 -20.63
CA ARG B 166 4.58 5.55 -19.52
C ARG B 166 4.57 6.83 -18.64
N GLN B 167 5.67 7.57 -18.64
CA GLN B 167 5.73 8.90 -17.93
C GLN B 167 4.88 9.99 -18.50
N ALA B 168 4.61 11.01 -17.68
CA ALA B 168 4.04 12.24 -18.17
C ALA B 168 4.93 12.86 -19.24
N THR B 169 4.36 13.62 -20.16
CA THR B 169 5.18 14.41 -21.07
C THR B 169 6.02 15.42 -20.29
N ARG B 170 7.10 15.84 -20.94
CA ARG B 170 8.02 16.77 -20.35
C ARG B 170 7.26 18.04 -20.00
N GLU B 171 6.45 18.49 -20.93
CA GLU B 171 5.70 19.70 -20.85
C GLU B 171 4.69 19.61 -19.73
N ALA B 172 4.03 18.46 -19.59
CA ALA B 172 3.07 18.27 -18.55
C ALA B 172 3.72 18.29 -17.17
N ARG B 173 4.84 17.61 -17.03
CA ARG B 173 5.54 17.56 -15.75
CA ARG B 173 5.54 17.56 -15.75
C ARG B 173 5.98 18.98 -15.36
N LEU B 174 6.55 19.72 -16.31
CA LEU B 174 7.01 21.09 -16.04
C LEU B 174 5.88 22.01 -15.66
N ALA B 175 4.72 21.85 -16.29
CA ALA B 175 3.61 22.72 -16.00
C ALA B 175 3.04 22.45 -14.60
N ALA B 176 3.29 21.26 -14.05
CA ALA B 176 2.83 20.86 -12.72
C ALA B 176 3.85 21.09 -11.58
N ALA B 177 5.04 21.61 -11.92
CA ALA B 177 6.08 21.91 -10.93
C ALA B 177 5.71 23.12 -10.10
N ASP B 178 6.19 23.18 -8.87
CA ASP B 178 6.29 24.41 -8.14
C ASP B 178 7.69 24.97 -8.30
N ASP B 179 8.69 24.10 -8.23
CA ASP B 179 10.07 24.47 -8.51
C ASP B 179 10.63 23.60 -9.64
N VAL B 180 11.66 24.12 -10.33
CA VAL B 180 12.32 23.39 -11.40
C VAL B 180 13.83 23.55 -11.31
N ILE B 181 14.55 22.44 -11.48
CA ILE B 181 15.97 22.54 -11.75
C ILE B 181 16.24 21.83 -13.08
N VAL B 182 16.88 22.53 -14.00
CA VAL B 182 17.22 21.90 -15.25
C VAL B 182 18.60 21.25 -15.12
N ASN B 183 18.65 19.94 -15.32
CA ASN B 183 19.91 19.19 -15.15
C ASN B 183 20.27 18.54 -16.47
N ASP B 184 20.68 19.36 -17.42
CA ASP B 184 21.00 18.86 -18.75
C ASP B 184 22.55 18.83 -18.79
N ALA B 185 23.19 19.92 -19.18
CA ALA B 185 24.66 19.96 -19.16
C ALA B 185 25.22 20.67 -17.92
N ALA B 186 24.39 20.87 -16.89
CA ALA B 186 24.83 21.54 -15.66
C ALA B 186 26.01 20.84 -14.98
N THR B 187 27.00 21.61 -14.57
CA THR B 187 28.07 21.05 -13.73
C THR B 187 27.53 20.84 -12.30
N PRO B 188 28.21 20.02 -11.49
CA PRO B 188 27.82 19.87 -10.09
C PRO B 188 27.85 21.22 -9.31
N ASP B 189 28.81 22.08 -9.65
CA ASP B 189 28.87 23.40 -9.06
C ASP B 189 27.61 24.20 -9.39
N ALA B 190 27.18 24.10 -10.64
CA ALA B 190 26.01 24.84 -11.09
C ALA B 190 24.75 24.33 -10.41
N LEU B 191 24.61 23.02 -10.26
CA LEU B 191 23.42 22.49 -9.57
C LEU B 191 23.39 22.97 -8.13
N ALA B 192 24.56 23.01 -7.50
CA ALA B 192 24.68 23.41 -6.11
C ALA B 192 24.21 24.83 -5.84
N VAL B 193 24.53 25.75 -6.76
CA VAL B 193 23.99 27.10 -6.65
C VAL B 193 22.48 27.09 -6.59
N GLN B 194 21.85 26.25 -7.42
CA GLN B 194 20.38 26.21 -7.47
C GLN B 194 19.79 25.57 -6.20
N VAL B 195 20.43 24.48 -5.74
CA VAL B 195 19.98 23.79 -4.54
C VAL B 195 20.12 24.66 -3.30
N ASP B 196 21.23 25.39 -3.20
CA ASP B 196 21.45 26.34 -2.12
C ASP B 196 20.30 27.30 -1.91
N ALA B 197 19.83 27.90 -3.00
CA ALA B 197 18.74 28.85 -2.90
C ALA B 197 17.43 28.14 -2.54
N LEU B 198 17.13 27.02 -3.20
CA LEU B 198 15.91 26.28 -2.86
C LEU B 198 15.94 25.82 -1.40
N HIS B 199 17.10 25.35 -0.96
CA HIS B 199 17.23 24.92 0.44
C HIS B 199 16.83 26.08 1.39
N GLN B 200 17.33 27.29 1.12
CA GLN B 200 16.97 28.42 1.96
C GLN B 200 15.51 28.70 1.90
N ARG B 201 14.92 28.58 0.72
CA ARG B 201 13.48 28.82 0.59
C ARG B 201 12.68 27.71 1.26
N TYR B 202 13.16 26.48 1.17
CA TYR B 202 12.45 25.37 1.82
C TYR B 202 12.51 25.45 3.35
N LEU B 203 13.62 25.93 3.89
CA LEU B 203 13.70 26.16 5.33
C LEU B 203 12.63 27.14 5.72
N ALA B 204 12.41 28.16 4.90
CA ALA B 204 11.44 29.19 5.24
C ALA B 204 10.02 28.68 5.12
N PHE B 205 9.73 27.87 4.10
CA PHE B 205 8.40 27.35 3.94
C PHE B 205 8.06 26.45 5.15
N ALA B 206 9.05 25.68 5.58
CA ALA B 206 8.87 24.70 6.65
C ALA B 206 8.66 25.42 7.99
N ALA B 207 9.43 26.47 8.25
CA ALA B 207 9.25 27.29 9.46
C ALA B 207 7.87 27.96 9.51
N ALA B 208 7.26 28.23 8.35
CA ALA B 208 5.93 28.87 8.32
C ALA B 208 4.74 27.89 8.39
N LYS B 209 4.95 26.60 8.20
CA LYS B 209 3.85 25.61 8.35
C LYS B 209 3.78 24.99 9.76
S SO4 C . -18.88 -9.24 11.28
O1 SO4 C . -19.22 -7.92 10.75
O2 SO4 C . -19.93 -9.84 12.10
O3 SO4 C . -18.66 -10.12 10.11
O4 SO4 C . -17.67 -9.19 12.05
S SO4 D . -15.73 2.01 -5.37
O1 SO4 D . -17.03 2.72 -5.45
O2 SO4 D . -15.03 2.37 -4.11
O3 SO4 D . -15.96 0.55 -5.42
O4 SO4 D . -14.89 2.43 -6.52
S SO4 E . 12.43 -3.60 7.97
O1 SO4 E . 11.35 -3.48 6.95
O2 SO4 E . 12.01 -3.04 9.27
O3 SO4 E . 12.79 -5.02 8.17
O4 SO4 E . 13.63 -2.90 7.46
CL CL F . 0.52 3.12 12.00
S SO4 G . 1.14 4.95 -6.03
O1 SO4 G . 0.06 5.97 -5.93
O2 SO4 G . 1.29 4.26 -4.73
O3 SO4 G . 0.84 3.97 -7.09
O4 SO4 G . 2.47 5.57 -6.25
S SO4 H . 17.41 9.42 -12.38
O1 SO4 H . 16.45 10.54 -12.27
O2 SO4 H . 17.92 9.10 -11.08
O3 SO4 H . 16.75 8.37 -13.12
O4 SO4 H . 18.60 9.87 -13.16
S SO4 I . 17.63 11.98 8.77
O1 SO4 I . 17.70 13.40 8.35
O2 SO4 I . 16.53 11.81 9.77
O3 SO4 I . 17.39 11.15 7.57
O4 SO4 I . 18.95 11.62 9.36
S SO4 J . 17.51 -18.10 -16.81
O1 SO4 J . 16.55 -17.02 -16.54
O2 SO4 J . 18.80 -17.78 -16.13
O3 SO4 J . 16.95 -19.38 -16.31
O4 SO4 J . 17.73 -18.17 -18.27
S SO4 K . 4.46 29.44 -4.81
O1 SO4 K . 4.14 30.84 -4.50
O2 SO4 K . 4.15 28.63 -3.60
O3 SO4 K . 3.67 29.10 -6.02
O4 SO4 K . 5.89 29.24 -5.11
S SO4 L . 25.72 14.45 -17.08
O1 SO4 L . 25.23 15.68 -17.76
O2 SO4 L . 25.22 14.40 -15.68
O3 SO4 L . 25.28 13.27 -17.85
O4 SO4 L . 27.20 14.50 -17.01
S SO4 M . -0.87 1.72 -15.37
O1 SO4 M . -0.89 3.19 -15.47
O2 SO4 M . -2.04 1.24 -14.58
O3 SO4 M . -0.93 1.13 -16.72
O4 SO4 M . 0.38 1.27 -14.69
C1 EDO N . 10.30 12.80 -21.15
O1 EDO N . 10.78 13.38 -19.93
C2 EDO N . 8.77 12.58 -21.18
O2 EDO N . 8.27 11.64 -20.17
#